data_3CZE
#
_entry.id   3CZE
#
_cell.length_a   95.500
_cell.length_b   117.000
_cell.length_c   55.100
_cell.angle_alpha   90.00
_cell.angle_beta   90.00
_cell.angle_gamma   90.00
#
_symmetry.space_group_name_H-M   'P 21 21 2'
#
loop_
_entity.id
_entity.type
_entity.pdbx_description
1 polymer 'Sucrose hydrolase'
2 non-polymer 2-AMINO-2-HYDROXYMETHYL-PROPANE-1,3-DIOL
3 water water
#
_entity_poly.entity_id   1
_entity_poly.type   'polypeptide(L)'
_entity_poly.pdbx_seq_one_letter_code
;MSTCPIDPPALRAAFAGPLDPQHAEVLLSRYDQHASRLLDALHALYGQRADYASWLAQWLGEVGDIARQRPQALQTLDST
RHAGWFGQPH(MSE)LGYSAYADRFAGTLQGVAERVPYLQELGVRYLHLLPFLRARAGDNDGGFAVSDYGQVEPSLGSND
DLVALTSRLREAGISLCADFVLNHTADDHAWAQAARAGDARYLDYYHHFADRTVPDRYEATLGQVFPHTAPGNFTWVDDT
AQW(MSE)WTTFYPYQWDLNWSNPAVFGD(MSE)ALA(MSE)LRLANLGVEAFRLDSTAYLWKRIGTDC(MSE)NQSEAH
TLLVALRAVTDIVAPAVV(MSE)KAEAIVP(MSE)TQLPPYFGSGVDEGHECHLAYHSTL(MSE)AAGWSALALQRGDIL
HNVIAHSPPLPRHCAWLSYVRCHDDIGWNVLQHEACGNAAQPPFSLRDVARFYANAVPGSYARGESFQSSGDGVHGTNG
(MSE)AAALAGIQAAQEAGDAAALAVAVDRLVLLYAIALA(MSE)PGVPLIY(MSE)GDELA(MSE)VNDPGYRDDPHRQ
HEGRWLHRPA(MSE)DWQLAAQRHDAKSLSGTVYRRLRGLIRQRAALGALAADQALASIALNDPRVFALTRGDSFIALHN
FSDQLLDVELAAIGVDGWTLLAIDDAIGGAAARGDGSIVLPPYGVRWLQRGTEHAPE
;
_entity_poly.pdbx_strand_id   A
#
loop_
_chem_comp.id
_chem_comp.type
_chem_comp.name
_chem_comp.formula
TRS non-polymer 2-AMINO-2-HYDROXYMETHYL-PROPANE-1,3-DIOL 'C4 H12 N O3 1'
#
# COMPACT_ATOMS: atom_id res chain seq x y z
N ILE A 6 -20.56 -23.57 18.69
CA ILE A 6 -21.12 -22.75 19.81
C ILE A 6 -20.34 -23.04 21.08
N ASP A 7 -20.83 -22.53 22.21
CA ASP A 7 -20.19 -22.72 23.51
C ASP A 7 -18.86 -21.98 23.61
N PRO A 8 -18.92 -20.65 23.85
CA PRO A 8 -17.76 -19.77 23.99
C PRO A 8 -16.68 -20.25 24.97
N PRO A 9 -17.06 -20.62 26.21
CA PRO A 9 -16.06 -21.07 27.16
C PRO A 9 -15.22 -22.24 26.65
N ALA A 10 -15.86 -23.14 25.90
CA ALA A 10 -15.15 -24.30 25.35
C ALA A 10 -14.14 -23.83 24.30
N LEU A 11 -14.55 -22.90 23.44
CA LEU A 11 -13.66 -22.38 22.41
C LEU A 11 -12.51 -21.61 23.05
N ARG A 12 -12.82 -20.87 24.12
CA ARG A 12 -11.80 -20.11 24.84
C ARG A 12 -10.76 -21.08 25.41
N ALA A 13 -11.24 -22.21 25.93
CA ALA A 13 -10.36 -23.23 26.50
C ALA A 13 -9.50 -23.88 25.41
N ALA A 14 -10.08 -24.11 24.24
CA ALA A 14 -9.35 -24.70 23.12
C ALA A 14 -8.22 -23.76 22.76
N PHE A 15 -8.55 -22.47 22.70
CA PHE A 15 -7.58 -21.43 22.38
C PHE A 15 -6.50 -21.35 23.46
N ALA A 16 -6.95 -21.38 24.72
CA ALA A 16 -6.07 -21.29 25.89
C ALA A 16 -5.03 -22.39 26.04
N GLY A 17 -5.41 -23.62 25.73
CA GLY A 17 -4.49 -24.74 25.86
C GLY A 17 -4.55 -25.39 27.22
N PRO A 18 -3.77 -26.46 27.46
CA PRO A 18 -3.73 -27.20 28.72
C PRO A 18 -3.69 -26.31 29.96
N LEU A 19 -3.03 -25.17 29.83
CA LEU A 19 -2.94 -24.21 30.93
C LEU A 19 -2.87 -22.79 30.39
N ALA A 24 -0.43 -15.84 30.30
CA ALA A 24 -1.54 -15.94 29.36
C ALA A 24 -2.65 -14.95 29.69
N GLU A 25 -2.49 -14.23 30.79
CA GLU A 25 -3.48 -13.25 31.21
C GLU A 25 -3.73 -12.15 30.19
N VAL A 26 -2.66 -11.57 29.67
CA VAL A 26 -2.79 -10.50 28.68
C VAL A 26 -3.47 -10.99 27.40
N LEU A 27 -2.97 -12.10 26.87
CA LEU A 27 -3.52 -12.67 25.65
C LEU A 27 -4.99 -13.01 25.79
N LEU A 28 -5.36 -13.65 26.89
CA LEU A 28 -6.74 -14.04 27.13
C LEU A 28 -7.70 -12.87 27.34
N SER A 29 -7.21 -11.78 27.94
CA SER A 29 -8.05 -10.61 28.15
C SER A 29 -8.45 -10.04 26.79
N ARG A 30 -7.53 -10.09 25.84
CA ARG A 30 -7.80 -9.58 24.51
C ARG A 30 -8.76 -10.53 23.81
N TYR A 31 -8.57 -11.83 24.02
CA TYR A 31 -9.47 -12.81 23.42
C TYR A 31 -10.89 -12.53 23.90
N ASP A 32 -11.04 -12.27 25.19
CA ASP A 32 -12.36 -11.99 25.76
C ASP A 32 -13.05 -10.76 25.17
N GLN A 33 -12.27 -9.80 24.70
CA GLN A 33 -12.85 -8.59 24.14
C GLN A 33 -13.07 -8.64 22.62
N HIS A 34 -12.28 -9.45 21.93
CA HIS A 34 -12.37 -9.52 20.47
C HIS A 34 -12.87 -10.81 19.83
N ALA A 35 -12.85 -11.91 20.58
CA ALA A 35 -13.27 -13.19 20.03
C ALA A 35 -14.70 -13.25 19.52
N SER A 36 -15.62 -12.54 20.19
CA SER A 36 -17.01 -12.56 19.76
C SER A 36 -17.17 -11.99 18.35
N ARG A 37 -16.43 -10.93 18.06
CA ARG A 37 -16.50 -10.31 16.74
C ARG A 37 -15.92 -11.29 15.72
N LEU A 38 -14.85 -11.99 16.12
CA LEU A 38 -14.23 -12.96 15.21
C LEU A 38 -15.23 -14.08 14.94
N LEU A 39 -15.84 -14.60 15.99
CA LEU A 39 -16.79 -15.70 15.87
C LEU A 39 -18.02 -15.37 15.03
N ASP A 40 -18.54 -14.16 15.14
CA ASP A 40 -19.71 -13.77 14.35
C ASP A 40 -19.35 -13.70 12.86
N ALA A 41 -18.15 -13.19 12.58
CA ALA A 41 -17.67 -13.10 11.21
C ALA A 41 -17.60 -14.50 10.60
N LEU A 42 -16.94 -15.41 11.31
CA LEU A 42 -16.77 -16.78 10.84
C LEU A 42 -18.11 -17.52 10.71
N HIS A 43 -19.03 -17.28 11.63
CA HIS A 43 -20.32 -17.94 11.55
C HIS A 43 -21.10 -17.43 10.34
N ALA A 44 -21.01 -16.14 10.06
CA ALA A 44 -21.70 -15.57 8.91
C ALA A 44 -21.20 -16.20 7.61
N LEU A 45 -19.91 -16.52 7.57
CA LEU A 45 -19.31 -17.10 6.38
C LEU A 45 -19.32 -18.62 6.28
N TYR A 46 -19.18 -19.31 7.41
CA TYR A 46 -19.11 -20.77 7.42
C TYR A 46 -20.06 -21.48 8.37
N GLY A 47 -20.79 -20.69 9.17
CA GLY A 47 -21.70 -21.24 10.16
C GLY A 47 -22.68 -22.32 9.76
N GLN A 48 -23.06 -22.39 8.49
CA GLN A 48 -24.02 -23.39 8.04
C GLN A 48 -23.41 -24.73 7.65
N ARG A 49 -22.07 -24.81 7.65
CA ARG A 49 -21.38 -26.04 7.29
C ARG A 49 -21.44 -27.08 8.41
N ALA A 50 -21.63 -28.33 8.04
CA ALA A 50 -21.71 -29.40 9.03
C ALA A 50 -20.39 -29.53 9.79
N ASP A 51 -19.29 -29.19 9.12
CA ASP A 51 -17.97 -29.30 9.71
C ASP A 51 -17.51 -28.04 10.43
N TYR A 52 -18.37 -27.02 10.48
CA TYR A 52 -18.01 -25.76 11.11
C TYR A 52 -17.48 -25.84 12.53
N ALA A 53 -18.27 -26.42 13.43
CA ALA A 53 -17.88 -26.56 14.83
C ALA A 53 -16.56 -27.30 15.05
N SER A 54 -16.41 -28.45 14.39
CA SER A 54 -15.19 -29.23 14.54
C SER A 54 -14.00 -28.46 13.96
N TRP A 55 -14.21 -27.80 12.83
CA TRP A 55 -13.14 -27.01 12.21
C TRP A 55 -12.70 -25.86 13.13
N LEU A 56 -13.67 -25.14 13.66
CA LEU A 56 -13.39 -23.99 14.53
C LEU A 56 -12.60 -24.33 15.78
N ALA A 57 -13.04 -25.37 16.49
CA ALA A 57 -12.36 -25.80 17.72
C ALA A 57 -10.91 -26.14 17.44
N GLN A 58 -10.67 -26.91 16.38
CA GLN A 58 -9.32 -27.29 16.03
C GLN A 58 -8.47 -26.08 15.67
N TRP A 59 -9.01 -25.23 14.80
CA TRP A 59 -8.29 -24.04 14.35
C TRP A 59 -7.92 -23.12 15.52
N LEU A 60 -8.87 -22.86 16.41
CA LEU A 60 -8.60 -21.98 17.55
C LEU A 60 -7.47 -22.57 18.40
N GLY A 61 -7.42 -23.89 18.48
CA GLY A 61 -6.37 -24.53 19.24
C GLY A 61 -5.04 -24.19 18.60
N GLU A 62 -4.99 -24.27 17.28
CA GLU A 62 -3.78 -23.97 16.52
C GLU A 62 -3.37 -22.50 16.66
N VAL A 63 -4.37 -21.62 16.67
CA VAL A 63 -4.12 -20.18 16.79
C VAL A 63 -3.52 -19.90 18.17
N GLY A 64 -4.07 -20.55 19.19
CA GLY A 64 -3.58 -20.38 20.54
C GLY A 64 -2.13 -20.80 20.68
N ASP A 65 -1.76 -21.89 20.02
CA ASP A 65 -0.37 -22.36 20.09
C ASP A 65 0.56 -21.35 19.42
N ILE A 66 0.17 -20.84 18.26
CA ILE A 66 0.99 -19.87 17.55
C ILE A 66 1.12 -18.59 18.37
N ALA A 67 0.02 -18.21 19.01
CA ALA A 67 -0.02 -17.02 19.84
C ALA A 67 0.98 -17.12 20.98
N ARG A 68 0.98 -18.26 21.67
CA ARG A 68 1.88 -18.47 22.80
C ARG A 68 3.36 -18.59 22.42
N GLN A 69 3.65 -18.90 21.16
CA GLN A 69 5.04 -18.99 20.75
C GLN A 69 5.57 -17.68 20.14
N ARG A 70 4.72 -16.66 20.12
CA ARG A 70 5.09 -15.34 19.59
C ARG A 70 6.27 -14.82 20.43
N PRO A 71 7.34 -14.36 19.76
CA PRO A 71 8.52 -13.84 20.48
C PRO A 71 8.15 -12.80 21.52
N GLN A 72 8.80 -12.84 22.68
CA GLN A 72 8.53 -11.90 23.76
C GLN A 72 8.64 -10.44 23.35
N ALA A 73 9.61 -10.12 22.50
CA ALA A 73 9.79 -8.74 22.07
C ALA A 73 8.55 -8.26 21.34
N LEU A 74 7.97 -9.15 20.54
CA LEU A 74 6.78 -8.81 19.77
C LEU A 74 5.56 -8.75 20.69
N GLN A 75 5.55 -9.59 21.72
CA GLN A 75 4.45 -9.60 22.67
C GLN A 75 4.47 -8.27 23.43
N THR A 76 5.66 -7.72 23.61
CA THR A 76 5.82 -6.44 24.31
C THR A 76 5.26 -5.30 23.45
N LEU A 77 5.55 -5.33 22.15
CA LEU A 77 5.01 -4.30 21.27
C LEU A 77 3.49 -4.41 21.34
N ASP A 78 3.00 -5.66 21.30
CA ASP A 78 1.56 -5.91 21.34
C ASP A 78 0.87 -5.26 22.54
N SER A 79 1.45 -5.43 23.71
CA SER A 79 0.82 -4.89 24.90
C SER A 79 1.14 -3.44 25.24
N THR A 80 2.05 -2.81 24.51
CA THR A 80 2.38 -1.41 24.81
C THR A 80 1.98 -0.42 23.71
N ARG A 81 1.76 -0.89 22.50
CA ARG A 81 1.37 0.01 21.42
C ARG A 81 -0.07 0.47 21.58
N HIS A 82 -0.31 1.77 21.40
CA HIS A 82 -1.66 2.31 21.51
C HIS A 82 -2.29 2.33 20.11
N ALA A 83 -3.61 2.29 20.06
CA ALA A 83 -4.31 2.32 18.78
C ALA A 83 -3.93 3.60 18.03
N GLY A 84 -3.76 3.47 16.72
CA GLY A 84 -3.40 4.62 15.90
C GLY A 84 -1.93 5.03 15.95
N TRP A 85 -1.09 4.18 16.51
CA TRP A 85 0.35 4.47 16.63
C TRP A 85 0.98 4.76 15.27
N PHE A 86 0.52 4.04 14.27
CA PHE A 86 1.04 4.15 12.91
C PHE A 86 0.72 5.47 12.24
N GLY A 87 -0.22 6.23 12.80
CA GLY A 87 -0.58 7.50 12.21
C GLY A 87 0.05 8.73 12.84
N GLN A 88 0.97 8.54 13.78
CA GLN A 88 1.63 9.68 14.43
C GLN A 88 2.60 10.38 13.47
N PRO A 89 2.88 11.67 13.71
CA PRO A 89 3.77 12.51 12.88
C PRO A 89 5.16 11.96 12.57
N HIS A 90 5.76 11.23 13.49
CA HIS A 90 7.09 10.69 13.24
C HIS A 90 7.08 9.55 12.22
N MSE A 91 5.91 9.00 11.93
CA MSE A 91 5.85 7.90 10.98
C MSE A 91 6.13 8.32 9.54
O MSE A 91 5.47 9.20 8.99
CB MSE A 91 4.48 7.22 11.06
CG MSE A 91 4.19 6.60 12.42
SE MSE A 91 5.39 5.16 12.88
CE MSE A 91 4.91 3.98 11.42
N LEU A 92 7.14 7.70 8.94
CA LEU A 92 7.52 7.97 7.56
C LEU A 92 7.80 6.62 6.91
N GLY A 93 7.25 6.38 5.72
CA GLY A 93 7.44 5.11 5.06
C GLY A 93 8.40 5.12 3.89
N TYR A 94 8.80 3.92 3.48
CA TYR A 94 9.73 3.73 2.36
C TYR A 94 9.36 2.41 1.69
N SER A 95 9.28 2.38 0.37
CA SER A 95 8.93 1.16 -0.36
C SER A 95 10.05 0.79 -1.32
N ALA A 96 10.45 -0.48 -1.31
CA ALA A 96 11.52 -0.95 -2.17
C ALA A 96 11.52 -2.46 -2.36
N TYR A 97 12.23 -2.90 -3.39
CA TYR A 97 12.40 -4.31 -3.65
C TYR A 97 13.65 -4.62 -2.83
N ALA A 98 13.63 -5.72 -2.08
CA ALA A 98 14.77 -6.08 -1.26
C ALA A 98 16.02 -6.30 -2.11
N ASP A 99 15.87 -6.98 -3.24
CA ASP A 99 17.00 -7.25 -4.12
C ASP A 99 17.54 -5.98 -4.79
N ARG A 100 16.65 -5.11 -5.22
CA ARG A 100 17.07 -3.87 -5.86
C ARG A 100 17.74 -2.92 -4.87
N PHE A 101 17.24 -2.93 -3.64
CA PHE A 101 17.76 -2.06 -2.58
C PHE A 101 19.12 -2.48 -2.03
N ALA A 102 19.24 -3.76 -1.64
CA ALA A 102 20.50 -4.23 -1.06
C ALA A 102 20.84 -5.69 -1.35
N GLY A 103 20.27 -6.23 -2.43
CA GLY A 103 20.56 -7.61 -2.80
C GLY A 103 19.86 -8.71 -2.02
N THR A 104 20.02 -8.71 -0.69
CA THR A 104 19.42 -9.73 0.15
C THR A 104 18.81 -9.13 1.41
N LEU A 105 18.11 -9.96 2.18
CA LEU A 105 17.50 -9.51 3.41
C LEU A 105 18.55 -8.99 4.39
N GLN A 106 19.62 -9.75 4.56
CA GLN A 106 20.68 -9.32 5.47
C GLN A 106 21.33 -8.07 4.90
N GLY A 107 21.30 -7.94 3.58
CA GLY A 107 21.87 -6.76 2.94
C GLY A 107 21.01 -5.55 3.28
N VAL A 108 19.70 -5.74 3.30
CA VAL A 108 18.78 -4.66 3.65
C VAL A 108 19.08 -4.23 5.09
N ALA A 109 19.30 -5.21 5.95
CA ALA A 109 19.59 -4.96 7.36
C ALA A 109 20.87 -4.14 7.53
N GLU A 110 21.86 -4.38 6.69
CA GLU A 110 23.12 -3.64 6.75
C GLU A 110 22.93 -2.20 6.29
N ARG A 111 21.85 -1.94 5.55
CA ARG A 111 21.57 -0.60 5.07
C ARG A 111 20.59 0.15 5.97
N VAL A 112 20.26 -0.43 7.11
CA VAL A 112 19.33 0.23 8.02
C VAL A 112 19.80 1.63 8.46
N PRO A 113 21.12 1.82 8.64
CA PRO A 113 21.57 3.16 9.05
C PRO A 113 21.10 4.24 8.04
N TYR A 114 21.09 3.88 6.76
CA TYR A 114 20.64 4.80 5.72
C TYR A 114 19.16 5.13 5.90
N LEU A 115 18.37 4.10 6.17
CA LEU A 115 16.94 4.29 6.37
C LEU A 115 16.68 5.13 7.63
N GLN A 116 17.46 4.88 8.67
CA GLN A 116 17.30 5.61 9.92
C GLN A 116 17.65 7.10 9.78
N GLU A 117 18.69 7.40 9.00
CA GLU A 117 19.10 8.79 8.79
C GLU A 117 18.04 9.59 8.02
N LEU A 118 17.34 8.91 7.12
CA LEU A 118 16.29 9.54 6.31
C LEU A 118 15.07 9.81 7.19
N GLY A 119 14.93 9.03 8.25
CA GLY A 119 13.80 9.19 9.15
C GLY A 119 12.73 8.12 8.98
N VAL A 120 13.06 7.06 8.24
CA VAL A 120 12.11 5.98 7.99
C VAL A 120 11.74 5.20 9.24
N ARG A 121 10.45 4.92 9.40
CA ARG A 121 9.95 4.16 10.55
C ARG A 121 9.04 3.04 10.06
N TYR A 122 8.85 2.98 8.75
CA TYR A 122 7.96 2.00 8.15
C TYR A 122 8.56 1.61 6.80
N LEU A 123 8.96 0.35 6.69
CA LEU A 123 9.58 -0.13 5.46
C LEU A 123 8.76 -1.21 4.77
N HIS A 124 8.38 -0.94 3.53
CA HIS A 124 7.62 -1.90 2.75
C HIS A 124 8.57 -2.59 1.79
N LEU A 125 8.82 -3.88 1.99
CA LEU A 125 9.66 -4.61 1.05
C LEU A 125 8.68 -5.37 0.18
N LEU A 126 8.78 -5.14 -1.13
CA LEU A 126 7.91 -5.80 -2.10
C LEU A 126 8.11 -7.31 -2.01
N PRO A 127 7.15 -8.11 -2.55
CA PRO A 127 7.17 -9.58 -2.52
C PRO A 127 8.53 -10.25 -2.39
N PHE A 128 8.79 -10.82 -1.21
CA PHE A 128 10.07 -11.48 -0.95
C PHE A 128 9.88 -12.92 -0.52
N LEU A 129 8.65 -13.40 -0.56
CA LEU A 129 8.35 -14.79 -0.21
C LEU A 129 8.54 -15.61 -1.47
N ARG A 130 8.65 -16.93 -1.31
CA ARG A 130 8.84 -17.83 -2.45
C ARG A 130 7.84 -17.50 -3.55
N ALA A 131 8.34 -17.27 -4.76
CA ALA A 131 7.50 -16.93 -5.89
C ALA A 131 7.60 -18.00 -6.98
N ARG A 132 6.61 -18.05 -7.86
CA ARG A 132 6.58 -19.05 -8.92
C ARG A 132 7.84 -19.09 -9.77
N ALA A 133 8.28 -20.30 -10.10
CA ALA A 133 9.45 -20.48 -10.95
C ALA A 133 9.08 -19.88 -12.31
N GLY A 134 10.00 -19.16 -12.92
CA GLY A 134 9.71 -18.53 -14.20
C GLY A 134 8.91 -17.27 -13.99
N ASP A 135 7.95 -16.99 -14.88
CA ASP A 135 7.14 -15.78 -14.73
C ASP A 135 6.40 -15.84 -13.39
N ASN A 136 6.45 -14.74 -12.63
CA ASN A 136 5.76 -14.69 -11.35
C ASN A 136 5.21 -13.30 -11.06
N ASP A 137 4.96 -12.54 -12.11
CA ASP A 137 4.44 -11.17 -11.99
C ASP A 137 5.14 -10.38 -10.89
N GLY A 138 6.45 -10.30 -10.97
CA GLY A 138 7.22 -9.56 -9.99
C GLY A 138 7.09 -10.04 -8.56
N GLY A 139 6.88 -11.34 -8.37
CA GLY A 139 6.77 -11.88 -7.03
C GLY A 139 5.37 -12.01 -6.49
N PHE A 140 4.38 -11.49 -7.21
CA PHE A 140 3.00 -11.57 -6.76
C PHE A 140 2.30 -12.90 -7.02
N ALA A 141 3.04 -13.83 -7.64
CA ALA A 141 2.55 -15.18 -7.87
C ALA A 141 3.31 -15.94 -6.78
N VAL A 142 2.71 -16.01 -5.60
CA VAL A 142 3.35 -16.63 -4.44
C VAL A 142 3.27 -18.15 -4.37
N SER A 143 4.43 -18.80 -4.25
CA SER A 143 4.45 -20.27 -4.16
C SER A 143 4.61 -20.79 -2.73
N ASP A 144 4.87 -19.90 -1.77
CA ASP A 144 4.99 -20.30 -0.38
C ASP A 144 4.91 -19.07 0.54
N TYR A 145 3.90 -19.03 1.38
CA TYR A 145 3.71 -17.91 2.30
C TYR A 145 4.56 -18.06 3.57
N GLY A 146 5.15 -19.25 3.74
CA GLY A 146 5.94 -19.50 4.93
C GLY A 146 7.43 -19.63 4.75
N GLN A 147 7.96 -19.10 3.65
CA GLN A 147 9.40 -19.16 3.42
C GLN A 147 9.84 -18.09 2.45
N VAL A 148 10.98 -17.49 2.77
CA VAL A 148 11.57 -16.43 1.97
C VAL A 148 12.19 -16.97 0.68
N GLU A 149 12.17 -16.14 -0.36
CA GLU A 149 12.76 -16.50 -1.65
C GLU A 149 14.24 -16.74 -1.35
N PRO A 150 14.73 -17.96 -1.65
CA PRO A 150 16.13 -18.36 -1.41
C PRO A 150 17.20 -17.36 -1.81
N SER A 151 17.04 -16.69 -2.94
CA SER A 151 18.04 -15.72 -3.39
C SER A 151 18.14 -14.53 -2.43
N LEU A 152 17.13 -14.35 -1.59
CA LEU A 152 17.12 -13.24 -0.62
C LEU A 152 17.50 -13.72 0.78
N GLY A 153 17.34 -15.02 1.02
CA GLY A 153 17.65 -15.59 2.32
C GLY A 153 16.55 -16.54 2.76
N SER A 154 16.45 -16.82 4.05
CA SER A 154 15.42 -17.71 4.57
C SER A 154 14.76 -17.06 5.78
N ASN A 155 13.83 -17.77 6.42
CA ASN A 155 13.12 -17.22 7.56
C ASN A 155 14.07 -16.71 8.63
N ASP A 156 15.18 -17.40 8.82
CA ASP A 156 16.18 -17.02 9.79
C ASP A 156 16.64 -15.57 9.55
N ASP A 157 16.83 -15.25 8.28
CA ASP A 157 17.28 -13.92 7.90
C ASP A 157 16.19 -12.88 8.01
N LEU A 158 14.94 -13.29 7.84
CA LEU A 158 13.81 -12.38 7.95
C LEU A 158 13.77 -11.94 9.40
N VAL A 159 13.92 -12.91 10.30
CA VAL A 159 13.92 -12.64 11.73
C VAL A 159 15.03 -11.67 12.11
N ALA A 160 16.22 -11.90 11.57
CA ALA A 160 17.37 -11.04 11.84
C ALA A 160 17.12 -9.65 11.28
N LEU A 161 16.44 -9.59 10.12
CA LEU A 161 16.13 -8.32 9.48
C LEU A 161 15.15 -7.51 10.33
N THR A 162 14.03 -8.11 10.71
CA THR A 162 13.05 -7.39 11.50
C THR A 162 13.59 -7.01 12.88
N SER A 163 14.47 -7.82 13.44
CA SER A 163 15.06 -7.51 14.74
C SER A 163 15.92 -6.26 14.56
N ARG A 164 16.68 -6.23 13.47
CA ARG A 164 17.53 -5.10 13.17
C ARG A 164 16.68 -3.86 12.90
N LEU A 165 15.58 -4.05 12.18
CA LEU A 165 14.68 -2.94 11.88
C LEU A 165 14.11 -2.35 13.16
N ARG A 166 13.69 -3.21 14.09
CA ARG A 166 13.14 -2.73 15.35
C ARG A 166 14.17 -1.93 16.14
N GLU A 167 15.45 -2.22 15.92
CA GLU A 167 16.53 -1.50 16.61
C GLU A 167 16.59 -0.05 16.13
N ALA A 168 15.88 0.24 15.05
CA ALA A 168 15.85 1.59 14.49
C ALA A 168 14.41 2.11 14.51
N GLY A 169 13.53 1.39 15.20
CA GLY A 169 12.12 1.78 15.29
C GLY A 169 11.41 1.68 13.96
N ILE A 170 11.80 0.70 13.15
CA ILE A 170 11.21 0.50 11.84
C ILE A 170 10.30 -0.73 11.77
N SER A 171 9.10 -0.55 11.24
CA SER A 171 8.12 -1.63 11.11
C SER A 171 8.14 -2.17 9.67
N LEU A 172 8.30 -3.47 9.53
CA LEU A 172 8.32 -4.07 8.21
C LEU A 172 6.93 -4.38 7.70
N CYS A 173 6.63 -3.92 6.49
CA CYS A 173 5.35 -4.21 5.86
C CYS A 173 5.59 -5.26 4.78
N ALA A 174 4.79 -6.32 4.81
CA ALA A 174 4.94 -7.37 3.82
C ALA A 174 3.65 -7.59 3.05
N ASP A 175 3.79 -7.90 1.76
CA ASP A 175 2.63 -8.19 0.93
C ASP A 175 2.08 -9.54 1.34
N PHE A 176 0.76 -9.62 1.43
CA PHE A 176 0.09 -10.87 1.75
C PHE A 176 -0.93 -11.02 0.63
N VAL A 177 -0.58 -11.77 -0.40
CA VAL A 177 -1.46 -11.99 -1.55
C VAL A 177 -2.49 -13.03 -1.16
N LEU A 178 -3.60 -12.58 -0.58
CA LEU A 178 -4.60 -13.53 -0.12
C LEU A 178 -5.62 -14.04 -1.13
N ASN A 179 -5.76 -13.39 -2.27
CA ASN A 179 -6.76 -13.87 -3.24
C ASN A 179 -6.35 -15.08 -4.08
N HIS A 180 -5.06 -15.21 -4.35
CA HIS A 180 -4.58 -16.30 -5.20
C HIS A 180 -3.12 -16.66 -4.92
N THR A 181 -2.74 -17.87 -5.31
CA THR A 181 -1.37 -18.34 -5.14
C THR A 181 -0.81 -18.70 -6.51
N ALA A 182 0.49 -19.00 -6.57
CA ALA A 182 1.10 -19.41 -7.83
C ALA A 182 0.59 -20.82 -8.11
N ASP A 183 0.57 -21.25 -9.36
CA ASP A 183 0.08 -22.58 -9.64
C ASP A 183 1.11 -23.67 -9.34
N ASP A 184 2.16 -23.29 -8.60
CA ASP A 184 3.17 -24.25 -8.17
C ASP A 184 3.32 -24.18 -6.65
N HIS A 185 2.35 -23.56 -5.99
CA HIS A 185 2.32 -23.46 -4.53
C HIS A 185 2.12 -24.90 -4.07
N ALA A 186 2.61 -25.24 -2.88
CA ALA A 186 2.45 -26.62 -2.40
C ALA A 186 1.00 -27.10 -2.47
N TRP A 187 0.05 -26.22 -2.15
CA TRP A 187 -1.37 -26.61 -2.22
C TRP A 187 -1.73 -26.98 -3.65
N ALA A 188 -1.24 -26.19 -4.60
CA ALA A 188 -1.53 -26.43 -6.01
C ALA A 188 -0.89 -27.73 -6.47
N GLN A 189 0.32 -28.00 -5.98
CA GLN A 189 1.01 -29.22 -6.35
C GLN A 189 0.29 -30.44 -5.77
N ALA A 190 -0.27 -30.28 -4.58
CA ALA A 190 -1.02 -31.38 -3.95
C ALA A 190 -2.27 -31.63 -4.80
N ALA A 191 -2.91 -30.54 -5.22
CA ALA A 191 -4.10 -30.64 -6.07
C ALA A 191 -3.72 -31.34 -7.36
N ARG A 192 -2.58 -30.95 -7.93
CA ARG A 192 -2.10 -31.55 -9.16
C ARG A 192 -1.88 -33.04 -8.96
N ALA A 193 -1.43 -33.41 -7.76
CA ALA A 193 -1.16 -34.81 -7.43
C ALA A 193 -2.40 -35.61 -7.06
N GLY A 194 -3.57 -34.97 -7.13
CA GLY A 194 -4.81 -35.66 -6.82
C GLY A 194 -5.36 -35.57 -5.41
N ASP A 195 -4.82 -34.67 -4.59
CA ASP A 195 -5.29 -34.54 -3.22
C ASP A 195 -6.58 -33.70 -3.22
N ALA A 196 -7.72 -34.36 -3.07
CA ALA A 196 -9.01 -33.67 -3.07
C ALA A 196 -9.08 -32.57 -2.02
N ARG A 197 -8.45 -32.80 -0.87
CA ARG A 197 -8.43 -31.83 0.21
C ARG A 197 -7.88 -30.48 -0.25
N TYR A 198 -6.71 -30.50 -0.88
CA TYR A 198 -6.10 -29.27 -1.34
C TYR A 198 -6.65 -28.74 -2.65
N LEU A 199 -7.29 -29.61 -3.43
CA LEU A 199 -7.89 -29.19 -4.68
C LEU A 199 -8.98 -28.22 -4.25
N ASP A 200 -9.65 -28.56 -3.15
CA ASP A 200 -10.75 -27.75 -2.62
C ASP A 200 -10.33 -26.42 -2.01
N TYR A 201 -9.03 -26.14 -2.00
CA TYR A 201 -8.53 -24.87 -1.48
C TYR A 201 -8.67 -23.84 -2.61
N TYR A 202 -8.97 -24.33 -3.81
CA TYR A 202 -9.11 -23.47 -4.98
C TYR A 202 -10.51 -23.58 -5.56
N HIS A 203 -10.90 -22.60 -6.37
CA HIS A 203 -12.19 -22.65 -7.03
C HIS A 203 -11.95 -23.49 -8.27
N HIS A 204 -12.43 -24.73 -8.25
CA HIS A 204 -12.26 -25.63 -9.39
C HIS A 204 -13.60 -26.13 -9.88
N PHE A 205 -13.68 -26.40 -11.17
CA PHE A 205 -14.93 -26.86 -11.76
C PHE A 205 -14.68 -27.99 -12.76
N ALA A 206 -15.55 -28.99 -12.73
CA ALA A 206 -15.42 -30.14 -13.61
C ALA A 206 -15.47 -29.73 -15.08
N ASP A 207 -16.30 -28.74 -15.38
CA ASP A 207 -16.46 -28.27 -16.74
C ASP A 207 -16.88 -26.79 -16.77
N ARG A 208 -17.06 -26.25 -17.97
CA ARG A 208 -17.41 -24.85 -18.15
C ARG A 208 -18.82 -24.43 -17.72
N THR A 209 -19.67 -25.38 -17.37
CA THR A 209 -21.04 -25.06 -16.97
C THR A 209 -21.16 -23.97 -15.90
N VAL A 210 -20.57 -24.18 -14.73
CA VAL A 210 -20.65 -23.18 -13.68
C VAL A 210 -19.81 -21.94 -14.03
N PRO A 211 -18.60 -22.14 -14.58
CA PRO A 211 -17.79 -20.98 -14.94
C PRO A 211 -18.52 -20.04 -15.91
N ASP A 212 -19.27 -20.62 -16.85
CA ASP A 212 -20.01 -19.82 -17.81
C ASP A 212 -21.06 -18.96 -17.11
N ARG A 213 -21.70 -19.54 -16.10
CA ARG A 213 -22.70 -18.80 -15.35
C ARG A 213 -22.06 -17.63 -14.64
N TYR A 214 -20.86 -17.84 -14.08
CA TYR A 214 -20.15 -16.77 -13.39
C TYR A 214 -19.74 -15.67 -14.37
N GLU A 215 -19.03 -16.07 -15.43
CA GLU A 215 -18.53 -15.15 -16.45
C GLU A 215 -19.57 -14.20 -17.03
N ALA A 216 -20.82 -14.61 -17.04
CA ALA A 216 -21.89 -13.78 -17.59
C ALA A 216 -21.93 -12.40 -16.96
N THR A 217 -21.57 -12.32 -15.68
CA THR A 217 -21.57 -11.04 -14.97
C THR A 217 -20.18 -10.59 -14.54
N LEU A 218 -19.16 -11.36 -14.93
CA LEU A 218 -17.79 -11.02 -14.57
C LEU A 218 -17.20 -9.99 -15.54
N GLY A 219 -16.03 -9.48 -15.18
CA GLY A 219 -15.36 -8.51 -16.03
C GLY A 219 -13.97 -9.02 -16.38
N GLN A 220 -13.23 -8.24 -17.15
CA GLN A 220 -11.88 -8.61 -17.55
C GLN A 220 -10.88 -7.67 -16.89
N VAL A 221 -9.86 -8.23 -16.25
CA VAL A 221 -8.84 -7.43 -15.58
C VAL A 221 -7.52 -7.49 -16.34
N GLY A 228 -12.10 -14.94 -19.53
CA GLY A 228 -10.77 -14.53 -19.10
C GLY A 228 -10.62 -14.64 -17.60
N ASN A 229 -11.38 -15.54 -16.99
CA ASN A 229 -11.33 -15.73 -15.55
C ASN A 229 -11.19 -17.20 -15.14
N PHE A 230 -11.05 -18.07 -16.12
CA PHE A 230 -10.91 -19.49 -15.85
C PHE A 230 -9.88 -20.12 -16.76
N THR A 231 -9.11 -21.06 -16.22
CA THR A 231 -8.07 -21.75 -16.97
C THR A 231 -8.13 -23.25 -16.78
N TRP A 232 -8.17 -24.00 -17.89
CA TRP A 232 -8.20 -25.45 -17.78
C TRP A 232 -6.79 -25.92 -17.45
N VAL A 233 -6.69 -26.83 -16.50
CA VAL A 233 -5.40 -27.36 -16.09
C VAL A 233 -5.39 -28.87 -16.17
N ASP A 234 -4.52 -29.41 -17.03
CA ASP A 234 -4.40 -30.84 -17.23
C ASP A 234 -4.21 -31.66 -15.97
N ASP A 235 -3.22 -31.28 -15.16
CA ASP A 235 -2.93 -32.02 -13.94
C ASP A 235 -4.13 -32.17 -13.01
N THR A 236 -4.94 -31.13 -12.87
CA THR A 236 -6.10 -31.23 -11.97
C THR A 236 -7.33 -31.69 -12.74
N ALA A 237 -7.27 -31.63 -14.06
CA ALA A 237 -8.39 -32.04 -14.91
C ALA A 237 -9.63 -31.25 -14.51
N GLN A 238 -9.43 -29.96 -14.26
CA GLN A 238 -10.52 -29.08 -13.85
C GLN A 238 -10.27 -27.68 -14.35
N TRP A 239 -11.30 -26.86 -14.32
CA TRP A 239 -11.16 -25.47 -14.72
C TRP A 239 -10.82 -24.75 -13.41
N MSE A 240 -9.74 -23.97 -13.42
CA MSE A 240 -9.35 -23.25 -12.22
C MSE A 240 -9.67 -21.77 -12.38
O MSE A 240 -9.44 -21.19 -13.45
CB MSE A 240 -7.84 -23.41 -11.98
CG MSE A 240 -7.33 -24.86 -12.06
SE MSE A 240 -8.24 -26.12 -10.92
CE MSE A 240 -7.51 -25.54 -9.19
N TRP A 241 -10.19 -21.16 -11.33
CA TRP A 241 -10.53 -19.74 -11.36
C TRP A 241 -9.20 -18.98 -11.36
N THR A 242 -9.00 -18.16 -12.39
CA THR A 242 -7.79 -17.38 -12.56
C THR A 242 -8.14 -15.95 -12.96
N THR A 243 -8.39 -15.11 -11.96
CA THR A 243 -8.75 -13.72 -12.23
C THR A 243 -7.63 -12.96 -12.93
N PHE A 244 -6.40 -13.22 -12.50
CA PHE A 244 -5.25 -12.52 -13.07
C PHE A 244 -4.52 -13.41 -14.08
N TYR A 245 -3.24 -13.69 -13.85
CA TYR A 245 -2.51 -14.54 -14.79
C TYR A 245 -2.98 -15.98 -14.71
N PRO A 246 -2.85 -16.72 -15.82
CA PRO A 246 -3.26 -18.13 -15.87
C PRO A 246 -2.55 -18.96 -14.80
N TYR A 247 -1.37 -18.49 -14.37
CA TYR A 247 -0.61 -19.21 -13.37
C TYR A 247 -0.90 -18.77 -11.94
N GLN A 248 -1.96 -18.00 -11.76
CA GLN A 248 -2.36 -17.55 -10.42
C GLN A 248 -3.77 -18.08 -10.20
N TRP A 249 -3.89 -19.07 -9.31
CA TRP A 249 -5.19 -19.68 -9.01
C TRP A 249 -5.86 -19.01 -7.82
N ASP A 250 -7.11 -18.59 -8.01
CA ASP A 250 -7.88 -17.94 -6.95
C ASP A 250 -8.23 -18.96 -5.86
N LEU A 251 -7.95 -18.62 -4.61
CA LEU A 251 -8.25 -19.49 -3.48
C LEU A 251 -9.75 -19.46 -3.22
N ASN A 252 -10.29 -20.57 -2.70
CA ASN A 252 -11.71 -20.66 -2.41
C ASN A 252 -11.93 -20.25 -0.96
N TRP A 253 -12.15 -18.96 -0.73
CA TRP A 253 -12.36 -18.51 0.64
C TRP A 253 -13.68 -18.93 1.25
N SER A 254 -14.52 -19.63 0.49
CA SER A 254 -15.78 -20.11 1.06
C SER A 254 -15.47 -21.36 1.86
N ASN A 255 -14.23 -21.86 1.71
CA ASN A 255 -13.76 -23.04 2.43
C ASN A 255 -13.08 -22.56 3.70
N PRO A 256 -13.62 -22.91 4.87
CA PRO A 256 -13.02 -22.48 6.14
C PRO A 256 -11.55 -22.89 6.33
N ALA A 257 -11.16 -24.01 5.74
CA ALA A 257 -9.79 -24.46 5.87
C ALA A 257 -8.84 -23.46 5.23
N VAL A 258 -9.29 -22.81 4.17
CA VAL A 258 -8.47 -21.82 3.48
C VAL A 258 -8.31 -20.63 4.42
N PHE A 259 -9.41 -20.15 4.98
CA PHE A 259 -9.32 -19.02 5.90
C PHE A 259 -8.40 -19.37 7.05
N GLY A 260 -8.61 -20.55 7.64
CA GLY A 260 -7.80 -20.97 8.77
C GLY A 260 -6.31 -21.02 8.49
N ASP A 261 -5.92 -21.67 7.39
CA ASP A 261 -4.51 -21.80 7.05
C ASP A 261 -3.89 -20.46 6.67
N MSE A 262 -4.66 -19.58 6.02
CA MSE A 262 -4.13 -18.29 5.63
C MSE A 262 -3.97 -17.41 6.88
O MSE A 262 -3.00 -16.65 6.99
CB MSE A 262 -5.04 -17.62 4.61
CG MSE A 262 -4.98 -18.24 3.22
SE MSE A 262 -3.20 -18.14 2.40
CE MSE A 262 -3.31 -16.38 1.65
N ALA A 263 -4.92 -17.51 7.79
CA ALA A 263 -4.87 -16.74 9.04
C ALA A 263 -3.61 -17.18 9.83
N LEU A 264 -3.37 -18.49 9.88
CA LEU A 264 -2.20 -19.02 10.57
C LEU A 264 -0.92 -18.57 9.85
N ALA A 265 -0.94 -18.60 8.53
CA ALA A 265 0.23 -18.16 7.75
C ALA A 265 0.55 -16.70 8.06
N MSE A 266 -0.50 -15.89 8.25
CA MSE A 266 -0.31 -14.48 8.56
C MSE A 266 0.33 -14.31 9.93
O MSE A 266 1.19 -13.46 10.13
CB MSE A 266 -1.67 -13.76 8.54
CG MSE A 266 -1.62 -12.28 8.93
SE MSE A 266 -3.42 -11.48 9.00
CE MSE A 266 -4.09 -12.41 10.54
N LEU A 267 -0.09 -15.13 10.89
CA LEU A 267 0.46 -15.07 12.23
C LEU A 267 1.90 -15.56 12.30
N ARG A 268 2.24 -16.55 11.48
CA ARG A 268 3.61 -17.05 11.47
C ARG A 268 4.50 -15.93 10.97
N LEU A 269 4.03 -15.19 9.95
CA LEU A 269 4.81 -14.07 9.40
C LEU A 269 4.95 -12.98 10.46
N ALA A 270 3.86 -12.72 11.19
CA ALA A 270 3.89 -11.72 12.25
C ALA A 270 4.93 -12.13 13.30
N ASN A 271 4.99 -13.42 13.62
CA ASN A 271 5.93 -13.93 14.61
C ASN A 271 7.37 -13.87 14.12
N LEU A 272 7.55 -13.71 12.81
CA LEU A 272 8.90 -13.58 12.25
C LEU A 272 9.27 -12.09 12.19
N GLY A 273 8.38 -11.23 12.70
CA GLY A 273 8.67 -9.81 12.70
C GLY A 273 7.87 -8.90 11.79
N VAL A 274 7.06 -9.47 10.90
CA VAL A 274 6.26 -8.64 10.00
C VAL A 274 5.26 -7.85 10.86
N GLU A 275 5.27 -6.53 10.72
CA GLU A 275 4.38 -5.67 11.51
C GLU A 275 3.23 -5.03 10.75
N ALA A 276 3.25 -5.15 9.42
CA ALA A 276 2.21 -4.58 8.58
C ALA A 276 1.97 -5.51 7.40
N PHE A 277 0.70 -5.70 7.05
CA PHE A 277 0.34 -6.57 5.94
C PHE A 277 -0.42 -5.85 4.84
N ARG A 278 0.15 -5.86 3.64
CA ARG A 278 -0.50 -5.23 2.51
C ARG A 278 -1.36 -6.34 1.93
N LEU A 279 -2.66 -6.26 2.21
CA LEU A 279 -3.61 -7.26 1.74
C LEU A 279 -3.91 -7.00 0.27
N ASP A 280 -3.35 -7.83 -0.60
CA ASP A 280 -3.51 -7.65 -2.04
C ASP A 280 -4.69 -8.39 -2.68
N SER A 281 -5.35 -7.71 -3.61
CA SER A 281 -6.49 -8.25 -4.36
C SER A 281 -7.65 -8.71 -3.47
N THR A 282 -7.95 -7.94 -2.43
CA THR A 282 -9.02 -8.29 -1.50
C THR A 282 -10.42 -8.15 -2.08
N ALA A 283 -10.58 -7.35 -3.14
CA ALA A 283 -11.88 -7.15 -3.74
C ALA A 283 -12.49 -8.43 -4.33
N TYR A 284 -11.64 -9.35 -4.75
CA TYR A 284 -12.09 -10.60 -5.38
C TYR A 284 -12.20 -11.79 -4.44
N LEU A 285 -12.04 -11.56 -3.15
CA LEU A 285 -12.09 -12.65 -2.18
C LEU A 285 -13.37 -13.49 -2.13
N TRP A 286 -14.52 -12.92 -2.47
CA TRP A 286 -15.74 -13.70 -2.42
C TRP A 286 -16.47 -13.77 -3.76
N LYS A 287 -16.87 -14.97 -4.15
CA LYS A 287 -17.57 -15.20 -5.41
C LYS A 287 -19.06 -15.41 -5.16
N ARG A 288 -19.88 -14.90 -6.07
CA ARG A 288 -21.32 -15.06 -5.98
C ARG A 288 -21.91 -14.96 -7.38
N ILE A 289 -22.57 -16.03 -7.82
CA ILE A 289 -23.18 -16.06 -9.14
C ILE A 289 -24.15 -14.90 -9.27
N GLY A 290 -24.08 -14.19 -10.39
CA GLY A 290 -24.97 -13.06 -10.61
C GLY A 290 -24.30 -11.73 -10.35
N THR A 291 -23.24 -11.73 -9.54
CA THR A 291 -22.52 -10.51 -9.23
C THR A 291 -21.18 -10.47 -9.96
N ASP A 292 -20.49 -9.34 -9.86
CA ASP A 292 -19.20 -9.16 -10.52
C ASP A 292 -18.08 -9.79 -9.67
N CYS A 293 -18.48 -10.47 -8.59
CA CYS A 293 -17.54 -11.12 -7.69
C CYS A 293 -16.45 -10.17 -7.21
N MSE A 294 -16.83 -8.92 -6.98
CA MSE A 294 -15.92 -7.89 -6.50
C MSE A 294 -16.56 -7.11 -5.36
O MSE A 294 -17.78 -6.86 -5.38
CB MSE A 294 -15.54 -6.93 -7.63
CG MSE A 294 -14.58 -7.50 -8.65
SE MSE A 294 -13.96 -6.12 -9.87
CE MSE A 294 -12.77 -5.16 -8.67
N ASN A 295 -15.76 -6.72 -4.39
CA ASN A 295 -16.21 -5.94 -3.24
C ASN A 295 -17.51 -6.47 -2.61
N GLN A 296 -17.64 -7.79 -2.55
CA GLN A 296 -18.83 -8.38 -1.95
C GLN A 296 -18.76 -8.16 -0.44
N SER A 297 -19.93 -8.16 0.20
CA SER A 297 -20.00 -7.98 1.65
C SER A 297 -19.09 -8.97 2.37
N GLU A 298 -19.10 -10.21 1.90
CA GLU A 298 -18.30 -11.26 2.52
C GLU A 298 -16.79 -11.02 2.48
N ALA A 299 -16.31 -10.34 1.44
CA ALA A 299 -14.89 -10.07 1.34
C ALA A 299 -14.47 -9.18 2.51
N HIS A 300 -15.33 -8.24 2.88
CA HIS A 300 -15.03 -7.35 4.00
C HIS A 300 -15.18 -8.11 5.32
N THR A 301 -16.08 -9.08 5.35
CA THR A 301 -16.29 -9.87 6.57
C THR A 301 -15.04 -10.71 6.82
N LEU A 302 -14.38 -11.13 5.74
CA LEU A 302 -13.15 -11.91 5.84
C LEU A 302 -12.04 -11.05 6.44
N LEU A 303 -11.98 -9.79 6.02
CA LEU A 303 -10.96 -8.87 6.54
C LEU A 303 -11.23 -8.53 8.00
N VAL A 304 -12.51 -8.47 8.37
CA VAL A 304 -12.89 -8.19 9.76
C VAL A 304 -12.39 -9.36 10.61
N ALA A 305 -12.58 -10.58 10.09
CA ALA A 305 -12.14 -11.78 10.78
C ALA A 305 -10.62 -11.77 10.95
N LEU A 306 -9.89 -11.53 9.86
CA LEU A 306 -8.43 -11.49 9.94
C LEU A 306 -7.98 -10.40 10.92
N ARG A 307 -8.66 -9.25 10.89
CA ARG A 307 -8.32 -8.15 11.80
C ARG A 307 -8.55 -8.58 13.26
N ALA A 308 -9.66 -9.28 13.51
CA ALA A 308 -9.98 -9.74 14.87
C ALA A 308 -8.90 -10.70 15.36
N VAL A 309 -8.42 -11.54 14.46
CA VAL A 309 -7.35 -12.47 14.81
C VAL A 309 -6.11 -11.68 15.26
N THR A 310 -5.78 -10.60 14.56
CA THR A 310 -4.60 -9.81 14.94
C THR A 310 -4.84 -9.02 16.24
N ASP A 311 -6.07 -8.57 16.45
CA ASP A 311 -6.38 -7.82 17.68
C ASP A 311 -6.13 -8.71 18.90
N ILE A 312 -6.41 -10.00 18.74
CA ILE A 312 -6.23 -10.97 19.81
C ILE A 312 -4.79 -11.43 19.97
N VAL A 313 -4.25 -11.99 18.89
CA VAL A 313 -2.89 -12.54 18.88
C VAL A 313 -1.71 -11.59 18.71
N ALA A 314 -1.85 -10.59 17.83
CA ALA A 314 -0.76 -9.67 17.58
C ALA A 314 -1.22 -8.25 17.27
N PRO A 315 -1.77 -7.55 18.28
CA PRO A 315 -2.26 -6.17 18.12
C PRO A 315 -1.24 -5.10 17.72
N ALA A 316 0.04 -5.46 17.67
CA ALA A 316 1.05 -4.49 17.25
C ALA A 316 1.04 -4.38 15.72
N VAL A 317 0.38 -5.35 15.09
CA VAL A 317 0.29 -5.41 13.64
C VAL A 317 -0.80 -4.53 13.03
N VAL A 318 -0.56 -4.06 11.81
CA VAL A 318 -1.56 -3.26 11.12
C VAL A 318 -1.94 -3.93 9.81
N MSE A 319 -3.18 -3.70 9.40
CA MSE A 319 -3.75 -4.26 8.20
C MSE A 319 -3.95 -3.14 7.19
O MSE A 319 -4.68 -2.19 7.47
CB MSE A 319 -5.07 -4.91 8.55
CG MSE A 319 -4.94 -5.87 9.68
SE MSE A 319 -4.14 -7.49 9.05
CE MSE A 319 -5.84 -8.32 8.70
N LYS A 320 -3.33 -3.28 6.03
CA LYS A 320 -3.41 -2.25 4.99
C LYS A 320 -4.04 -2.76 3.70
N ALA A 321 -5.09 -2.09 3.24
CA ALA A 321 -5.75 -2.48 2.00
C ALA A 321 -4.91 -1.98 0.82
N GLU A 322 -4.52 -2.90 -0.05
CA GLU A 322 -3.73 -2.57 -1.23
C GLU A 322 -4.60 -1.93 -2.30
N ALA A 323 -5.88 -2.29 -2.31
CA ALA A 323 -6.84 -1.78 -3.27
C ALA A 323 -6.53 -0.40 -3.84
N ILE A 324 -6.31 -0.36 -5.15
CA ILE A 324 -6.02 0.88 -5.86
C ILE A 324 -7.31 1.25 -6.58
N VAL A 325 -8.13 2.07 -5.92
CA VAL A 325 -9.41 2.49 -6.46
C VAL A 325 -9.74 3.93 -6.07
N PRO A 326 -10.78 4.51 -6.69
CA PRO A 326 -11.18 5.89 -6.38
C PRO A 326 -11.45 5.98 -4.88
N MSE A 327 -10.99 7.06 -4.24
CA MSE A 327 -11.16 7.23 -2.80
C MSE A 327 -12.60 7.03 -2.32
O MSE A 327 -12.83 6.77 -1.14
CB MSE A 327 -10.67 8.62 -2.38
CG MSE A 327 -11.43 9.76 -3.05
SE MSE A 327 -10.80 11.51 -2.48
CE MSE A 327 -12.14 12.57 -3.39
N THR A 328 -13.57 7.14 -3.22
CA THR A 328 -14.97 6.96 -2.85
C THR A 328 -15.32 5.49 -2.63
N GLN A 329 -14.37 4.61 -2.94
CA GLN A 329 -14.58 3.17 -2.77
C GLN A 329 -13.71 2.61 -1.64
N LEU A 330 -13.00 3.49 -0.94
CA LEU A 330 -12.13 3.07 0.14
C LEU A 330 -12.72 2.97 1.53
N PRO A 331 -13.68 3.85 1.88
CA PRO A 331 -14.27 3.77 3.23
C PRO A 331 -14.61 2.37 3.75
N PRO A 332 -15.24 1.51 2.92
CA PRO A 332 -15.62 0.16 3.35
C PRO A 332 -14.45 -0.64 3.94
N TYR A 333 -13.25 -0.43 3.41
CA TYR A 333 -12.07 -1.14 3.88
C TYR A 333 -11.73 -0.83 5.34
N PHE A 334 -12.17 0.31 5.83
CA PHE A 334 -11.90 0.66 7.22
C PHE A 334 -13.02 0.05 8.05
N GLY A 335 -13.92 -0.66 7.38
CA GLY A 335 -15.04 -1.28 8.07
C GLY A 335 -16.31 -0.46 7.92
N SER A 336 -17.38 -1.08 7.46
CA SER A 336 -18.65 -0.38 7.27
C SER A 336 -19.61 -0.60 8.43
N GLY A 337 -20.44 0.41 8.68
CA GLY A 337 -21.42 0.32 9.75
C GLY A 337 -20.86 -0.13 11.08
N VAL A 338 -21.45 -1.19 11.63
CA VAL A 338 -21.02 -1.71 12.92
C VAL A 338 -19.58 -2.18 12.95
N ASP A 339 -19.00 -2.44 11.78
CA ASP A 339 -17.62 -2.91 11.72
C ASP A 339 -16.59 -1.81 11.49
N GLU A 340 -17.04 -0.56 11.43
CA GLU A 340 -16.10 0.53 11.21
C GLU A 340 -15.10 0.56 12.35
N GLY A 341 -13.83 0.64 12.01
CA GLY A 341 -12.78 0.66 13.02
C GLY A 341 -12.31 -0.75 13.37
N HIS A 342 -12.92 -1.76 12.75
CA HIS A 342 -12.57 -3.14 13.03
C HIS A 342 -12.16 -3.92 11.77
N GLU A 343 -11.58 -3.24 10.80
CA GLU A 343 -11.14 -3.91 9.59
C GLU A 343 -9.71 -3.46 9.29
N CYS A 344 -9.46 -2.83 8.15
CA CYS A 344 -8.11 -2.38 7.83
C CYS A 344 -7.77 -1.08 8.57
N HIS A 345 -6.50 -0.93 8.91
CA HIS A 345 -6.02 0.27 9.60
C HIS A 345 -5.67 1.36 8.60
N LEU A 346 -5.16 0.93 7.45
CA LEU A 346 -4.71 1.83 6.40
C LEU A 346 -5.22 1.48 5.01
N ALA A 347 -5.24 2.48 4.13
CA ALA A 347 -5.66 2.32 2.74
C ALA A 347 -4.84 3.32 1.92
N TYR A 348 -4.55 2.98 0.67
CA TYR A 348 -3.76 3.88 -0.19
C TYR A 348 -4.58 4.99 -0.82
N HIS A 349 -4.14 6.23 -0.64
CA HIS A 349 -4.84 7.36 -1.23
C HIS A 349 -4.32 7.60 -2.65
N SER A 350 -4.74 6.73 -3.56
CA SER A 350 -4.31 6.79 -4.95
C SER A 350 -4.91 7.96 -5.72
N THR A 351 -6.07 8.44 -5.28
CA THR A 351 -6.70 9.56 -5.94
C THR A 351 -5.81 10.77 -5.73
N LEU A 352 -5.30 10.94 -4.51
CA LEU A 352 -4.43 12.07 -4.21
C LEU A 352 -3.14 11.99 -5.01
N MSE A 353 -2.59 10.78 -5.13
CA MSE A 353 -1.34 10.58 -5.85
C MSE A 353 -1.47 10.98 -7.31
O MSE A 353 -0.62 11.70 -7.85
CB MSE A 353 -0.90 9.11 -5.73
CG MSE A 353 0.38 8.76 -6.46
SE MSE A 353 0.08 8.53 -8.36
CE MSE A 353 -1.13 7.02 -8.28
N ALA A 354 -2.52 10.50 -7.98
CA ALA A 354 -2.74 10.82 -9.37
C ALA A 354 -3.14 12.29 -9.54
N ALA A 355 -3.88 12.83 -8.56
CA ALA A 355 -4.30 14.23 -8.63
C ALA A 355 -3.10 15.15 -8.55
N GLY A 356 -2.08 14.72 -7.81
CA GLY A 356 -0.87 15.53 -7.66
C GLY A 356 -0.16 15.70 -8.99
N TRP A 357 0.01 14.61 -9.72
CA TRP A 357 0.67 14.68 -11.02
C TRP A 357 -0.19 15.38 -12.06
N SER A 358 -1.50 15.22 -11.95
CA SER A 358 -2.41 15.88 -12.89
C SER A 358 -2.36 17.38 -12.64
N ALA A 359 -2.46 17.76 -11.38
CA ALA A 359 -2.41 19.16 -10.99
C ALA A 359 -1.11 19.79 -11.46
N LEU A 360 -0.02 19.04 -11.36
CA LEU A 360 1.29 19.54 -11.76
C LEU A 360 1.39 19.81 -13.26
N ALA A 361 0.98 18.83 -14.07
CA ALA A 361 1.05 18.96 -15.52
C ALA A 361 0.10 20.03 -16.05
N LEU A 362 -1.03 20.22 -15.37
CA LEU A 362 -2.02 21.20 -15.80
C LEU A 362 -1.88 22.53 -15.07
N GLN A 363 -1.01 22.57 -14.07
CA GLN A 363 -0.81 23.77 -13.26
C GLN A 363 -2.12 24.21 -12.67
N ARG A 364 -2.83 23.27 -12.05
CA ARG A 364 -4.13 23.56 -11.46
C ARG A 364 -4.22 23.03 -10.04
N GLY A 365 -4.19 23.93 -9.07
CA GLY A 365 -4.29 23.50 -7.69
C GLY A 365 -5.73 23.14 -7.35
N ASP A 366 -6.69 23.64 -8.13
CA ASP A 366 -8.09 23.36 -7.87
C ASP A 366 -8.46 21.88 -7.92
N ILE A 367 -7.66 21.08 -8.62
CA ILE A 367 -7.92 19.65 -8.71
C ILE A 367 -7.62 18.99 -7.36
N LEU A 368 -6.57 19.48 -6.70
CA LEU A 368 -6.21 18.94 -5.40
C LEU A 368 -7.22 19.37 -4.34
N HIS A 369 -7.76 20.58 -4.48
CA HIS A 369 -8.77 21.04 -3.53
C HIS A 369 -9.95 20.10 -3.63
N ASN A 370 -10.34 19.78 -4.86
CA ASN A 370 -11.46 18.89 -5.10
C ASN A 370 -11.24 17.55 -4.38
N VAL A 371 -10.06 16.97 -4.55
CA VAL A 371 -9.75 15.69 -3.93
C VAL A 371 -9.75 15.73 -2.40
N ILE A 372 -9.07 16.70 -1.82
CA ILE A 372 -9.03 16.78 -0.36
C ILE A 372 -10.37 17.17 0.24
N ALA A 373 -11.06 18.10 -0.42
CA ALA A 373 -12.36 18.55 0.07
C ALA A 373 -13.38 17.41 0.08
N HIS A 374 -13.17 16.41 -0.78
CA HIS A 374 -14.07 15.27 -0.86
C HIS A 374 -13.48 13.98 -0.29
N SER A 375 -12.27 14.07 0.25
CA SER A 375 -11.61 12.91 0.82
C SER A 375 -12.38 12.41 2.04
N PRO A 376 -12.91 11.18 1.99
CA PRO A 376 -13.67 10.61 3.10
C PRO A 376 -12.94 10.79 4.43
N PRO A 377 -13.64 11.30 5.45
CA PRO A 377 -13.02 11.52 6.75
C PRO A 377 -12.60 10.18 7.37
N LEU A 378 -11.35 10.11 7.81
CA LEU A 378 -10.81 8.90 8.39
C LEU A 378 -11.49 8.43 9.66
N PRO A 379 -11.82 7.14 9.74
CA PRO A 379 -12.46 6.62 10.95
C PRO A 379 -11.42 6.69 12.05
N ARG A 380 -11.86 6.56 13.31
CA ARG A 380 -10.95 6.59 14.44
C ARG A 380 -9.96 5.42 14.30
N HIS A 381 -8.68 5.69 14.57
CA HIS A 381 -7.63 4.69 14.48
C HIS A 381 -7.39 4.11 13.08
N CYS A 382 -7.70 4.90 12.07
CA CYS A 382 -7.47 4.52 10.68
C CYS A 382 -6.70 5.67 10.04
N ALA A 383 -5.99 5.39 8.96
CA ALA A 383 -5.23 6.44 8.30
C ALA A 383 -4.96 6.12 6.84
N TRP A 384 -4.40 7.10 6.13
CA TRP A 384 -4.08 6.95 4.72
C TRP A 384 -2.61 6.62 4.52
N LEU A 385 -2.36 6.00 3.38
CA LEU A 385 -1.01 5.70 2.96
C LEU A 385 -0.93 6.68 1.78
N SER A 386 -0.12 7.73 1.90
CA SER A 386 -0.01 8.68 0.81
C SER A 386 1.31 8.44 0.09
N TYR A 387 1.32 8.65 -1.23
CA TYR A 387 2.54 8.40 -1.99
C TYR A 387 2.59 9.19 -3.29
N VAL A 388 3.78 9.23 -3.89
CA VAL A 388 4.00 9.96 -5.14
C VAL A 388 4.22 8.98 -6.29
N ARG A 389 5.01 7.94 -6.04
CA ARG A 389 5.26 6.91 -7.04
C ARG A 389 5.35 5.57 -6.34
N CYS A 390 5.34 4.50 -7.13
CA CYS A 390 5.44 3.15 -6.60
C CYS A 390 5.99 2.23 -7.69
N HIS A 391 6.05 0.94 -7.41
CA HIS A 391 6.59 -0.03 -8.36
C HIS A 391 5.72 -0.19 -9.60
N ASP A 392 4.51 0.33 -9.56
CA ASP A 392 3.60 0.23 -10.69
C ASP A 392 3.52 1.53 -11.48
N ASP A 393 2.84 1.44 -12.63
CA ASP A 393 2.64 2.59 -13.50
C ASP A 393 1.58 3.45 -12.82
N ILE A 394 1.46 4.71 -13.23
CA ILE A 394 0.45 5.60 -12.68
C ILE A 394 -0.87 5.30 -13.39
N GLY A 395 -1.86 4.84 -12.63
CA GLY A 395 -3.16 4.52 -13.23
C GLY A 395 -4.11 5.71 -13.19
N TRP A 396 -4.04 6.53 -14.23
CA TRP A 396 -4.87 7.73 -14.33
C TRP A 396 -6.38 7.52 -14.19
N ASN A 397 -6.85 6.34 -14.57
CA ASN A 397 -8.27 6.04 -14.51
C ASN A 397 -8.94 6.24 -13.15
N VAL A 398 -8.15 6.17 -12.07
CA VAL A 398 -8.72 6.37 -10.74
C VAL A 398 -9.32 7.77 -10.61
N LEU A 399 -8.89 8.68 -11.47
CA LEU A 399 -9.40 10.06 -11.43
C LEU A 399 -10.56 10.32 -12.38
N GLN A 400 -11.08 9.28 -13.00
CA GLN A 400 -12.18 9.44 -13.94
C GLN A 400 -13.27 10.37 -13.43
N HIS A 401 -13.67 10.16 -12.18
CA HIS A 401 -14.72 10.99 -11.59
C HIS A 401 -14.32 12.47 -11.52
N GLU A 402 -13.20 12.76 -10.88
CA GLU A 402 -12.75 14.14 -10.76
C GLU A 402 -12.58 14.82 -12.13
N ALA A 403 -11.97 14.10 -13.07
CA ALA A 403 -11.73 14.62 -14.42
C ALA A 403 -12.99 15.18 -15.07
N CYS A 404 -14.16 14.73 -14.61
CA CYS A 404 -15.41 15.22 -15.19
C CYS A 404 -15.73 16.62 -14.66
N GLY A 405 -14.99 17.04 -13.64
CA GLY A 405 -15.17 18.35 -13.06
C GLY A 405 -16.45 18.49 -12.26
N ASN A 406 -16.56 19.59 -11.53
CA ASN A 406 -17.75 19.87 -10.72
C ASN A 406 -17.96 21.37 -10.62
N ALA A 407 -18.83 21.80 -9.71
CA ALA A 407 -19.13 23.23 -9.56
C ALA A 407 -17.93 24.10 -9.22
N ALA A 408 -16.91 23.53 -8.57
CA ALA A 408 -15.74 24.32 -8.18
C ALA A 408 -14.52 24.07 -9.06
N GLN A 409 -14.49 22.90 -9.70
CA GLN A 409 -13.35 22.54 -10.54
C GLN A 409 -13.76 22.15 -11.95
N PRO A 410 -13.39 22.96 -12.95
CA PRO A 410 -13.75 22.63 -14.34
C PRO A 410 -13.15 21.28 -14.70
N PRO A 411 -13.67 20.62 -15.73
CA PRO A 411 -13.15 19.32 -16.15
C PRO A 411 -11.70 19.41 -16.63
N PHE A 412 -11.03 18.27 -16.70
CA PHE A 412 -9.67 18.21 -17.23
C PHE A 412 -9.49 16.89 -17.97
N SER A 413 -8.60 16.86 -18.95
CA SER A 413 -8.36 15.66 -19.75
C SER A 413 -7.27 14.73 -19.24
N LEU A 414 -7.67 13.51 -18.86
CA LEU A 414 -6.72 12.52 -18.37
C LEU A 414 -5.83 12.07 -19.52
N ARG A 415 -6.39 12.04 -20.72
CA ARG A 415 -5.64 11.65 -21.89
C ARG A 415 -4.54 12.67 -22.13
N ASP A 416 -4.86 13.95 -21.92
CA ASP A 416 -3.88 15.02 -22.09
C ASP A 416 -2.78 14.88 -21.03
N VAL A 417 -3.18 14.55 -19.81
CA VAL A 417 -2.23 14.38 -18.73
C VAL A 417 -1.29 13.21 -19.04
N ALA A 418 -1.86 12.11 -19.51
CA ALA A 418 -1.07 10.93 -19.86
C ALA A 418 -0.08 11.27 -20.97
N ARG A 419 -0.55 11.94 -22.00
CA ARG A 419 0.32 12.32 -23.11
C ARG A 419 1.46 13.22 -22.67
N PHE A 420 1.18 14.12 -21.74
CA PHE A 420 2.19 15.03 -21.22
C PHE A 420 3.33 14.25 -20.58
N TYR A 421 3.00 13.32 -19.68
CA TYR A 421 4.02 12.54 -19.01
C TYR A 421 4.68 11.52 -19.92
N ALA A 422 4.04 11.22 -21.04
CA ALA A 422 4.61 10.29 -22.00
C ALA A 422 5.42 11.11 -23.01
N ASN A 423 5.49 12.42 -22.78
CA ASN A 423 6.20 13.34 -23.65
C ASN A 423 5.73 13.18 -25.10
N ALA A 424 4.42 13.10 -25.27
CA ALA A 424 3.81 12.96 -26.59
C ALA A 424 3.23 14.31 -27.00
N VAL A 425 3.57 15.34 -26.23
CA VAL A 425 3.11 16.70 -26.46
C VAL A 425 4.33 17.60 -26.61
N PRO A 426 4.26 18.58 -27.53
CA PRO A 426 5.34 19.53 -27.82
C PRO A 426 6.13 20.13 -26.66
N GLY A 427 5.45 20.76 -25.72
CA GLY A 427 6.17 21.37 -24.61
C GLY A 427 6.14 20.65 -23.28
N SER A 428 6.73 19.46 -23.22
CA SER A 428 6.75 18.69 -21.98
C SER A 428 8.16 18.47 -21.43
N TYR A 429 8.30 18.61 -20.12
CA TYR A 429 9.58 18.41 -19.45
C TYR A 429 9.64 17.01 -18.86
N ALA A 430 8.57 16.25 -19.09
CA ALA A 430 8.46 14.89 -18.57
C ALA A 430 9.12 13.87 -19.50
N ARG A 431 9.59 12.78 -18.90
CA ARG A 431 10.24 11.72 -19.65
C ARG A 431 9.70 10.36 -19.22
N GLY A 432 8.38 10.24 -19.15
CA GLY A 432 7.77 8.97 -18.79
C GLY A 432 7.51 8.19 -20.06
N GLU A 433 6.92 7.00 -19.93
CA GLU A 433 6.59 6.17 -21.08
C GLU A 433 5.21 5.57 -20.87
N SER A 434 4.37 5.62 -21.90
CA SER A 434 3.03 5.06 -21.79
C SER A 434 3.12 3.56 -21.52
N PHE A 435 2.20 3.04 -20.71
CA PHE A 435 2.20 1.62 -20.41
C PHE A 435 1.15 0.88 -21.23
N VAL A 442 -7.51 5.31 -21.10
CA VAL A 442 -6.25 5.99 -20.84
C VAL A 442 -5.24 5.03 -20.21
N HIS A 443 -4.13 4.82 -20.90
CA HIS A 443 -3.07 3.92 -20.43
C HIS A 443 -2.22 4.56 -19.34
N GLY A 444 -1.73 3.73 -18.42
CA GLY A 444 -0.90 4.23 -17.34
C GLY A 444 0.40 4.83 -17.82
N THR A 445 1.15 5.41 -16.89
CA THR A 445 2.44 6.02 -17.21
C THR A 445 3.55 5.42 -16.35
N ASN A 446 4.62 4.98 -17.00
CA ASN A 446 5.77 4.41 -16.30
C ASN A 446 6.83 5.48 -16.16
N GLY A 447 7.75 5.28 -15.23
CA GLY A 447 8.82 6.24 -15.03
C GLY A 447 8.99 6.69 -13.60
N MSE A 448 10.21 7.10 -13.28
CA MSE A 448 10.54 7.58 -11.95
C MSE A 448 9.99 8.99 -11.74
O MSE A 448 9.84 9.77 -12.68
CB MSE A 448 12.05 7.59 -11.75
CG MSE A 448 12.70 6.22 -11.74
SE MSE A 448 12.21 5.16 -10.19
CE MSE A 448 13.39 5.96 -8.87
N ALA A 449 9.72 9.33 -10.48
CA ALA A 449 9.21 10.63 -10.13
C ALA A 449 10.13 11.72 -10.69
N ALA A 450 11.43 11.49 -10.60
CA ALA A 450 12.40 12.47 -11.09
C ALA A 450 12.28 12.68 -12.59
N ALA A 451 11.97 11.61 -13.32
CA ALA A 451 11.84 11.67 -14.77
C ALA A 451 10.57 12.41 -15.17
N LEU A 452 9.49 12.16 -14.42
CA LEU A 452 8.21 12.79 -14.71
C LEU A 452 8.19 14.26 -14.32
N ALA A 453 8.91 14.61 -13.25
CA ALA A 453 8.95 15.98 -12.76
C ALA A 453 9.85 16.94 -13.55
N GLY A 454 10.63 16.41 -14.49
CA GLY A 454 11.48 17.26 -15.29
C GLY A 454 12.97 17.19 -14.96
N ILE A 455 13.32 16.50 -13.88
CA ILE A 455 14.71 16.39 -13.47
C ILE A 455 15.57 15.65 -14.49
N GLN A 456 15.07 14.55 -15.02
CA GLN A 456 15.85 13.79 -16.00
C GLN A 456 16.14 14.63 -17.22
N ALA A 457 15.11 15.25 -17.79
CA ALA A 457 15.26 16.08 -18.97
C ALA A 457 16.24 17.23 -18.73
N ALA A 458 16.15 17.87 -17.56
CA ALA A 458 17.04 18.98 -17.25
C ALA A 458 18.49 18.51 -17.17
N GLN A 459 18.69 17.30 -16.65
CA GLN A 459 20.04 16.74 -16.52
C GLN A 459 20.59 16.39 -17.89
N GLU A 460 19.75 15.84 -18.76
CA GLU A 460 20.16 15.47 -20.11
C GLU A 460 20.64 16.70 -20.87
N ALA A 461 20.01 17.84 -20.60
CA ALA A 461 20.35 19.08 -21.28
C ALA A 461 21.36 19.95 -20.52
N GLY A 462 21.74 19.51 -19.33
CA GLY A 462 22.68 20.29 -18.54
C GLY A 462 22.14 21.69 -18.29
N ASP A 463 20.83 21.77 -18.11
CA ASP A 463 20.12 23.04 -17.88
C ASP A 463 19.95 23.29 -16.39
N ALA A 464 20.84 24.09 -15.81
CA ALA A 464 20.77 24.40 -14.38
C ALA A 464 19.45 25.03 -13.96
N ALA A 465 18.99 26.00 -14.74
CA ALA A 465 17.74 26.68 -14.42
C ALA A 465 16.55 25.72 -14.38
N ALA A 466 16.38 24.93 -15.44
CA ALA A 466 15.28 23.97 -15.50
C ALA A 466 15.40 22.90 -14.42
N LEU A 467 16.64 22.56 -14.07
CA LEU A 467 16.87 21.54 -13.05
C LEU A 467 16.32 22.00 -11.70
N ALA A 468 16.57 23.27 -11.36
CA ALA A 468 16.11 23.83 -10.10
C ALA A 468 14.59 23.83 -10.02
N VAL A 469 13.93 24.22 -11.10
CA VAL A 469 12.47 24.26 -11.13
C VAL A 469 11.95 22.84 -10.98
N ALA A 470 12.60 21.90 -11.66
CA ALA A 470 12.22 20.50 -11.63
C ALA A 470 12.33 19.94 -10.21
N VAL A 471 13.36 20.38 -9.48
CA VAL A 471 13.52 19.92 -8.11
C VAL A 471 12.34 20.44 -7.27
N ASP A 472 11.89 21.65 -7.55
CA ASP A 472 10.77 22.22 -6.81
C ASP A 472 9.50 21.39 -7.04
N ARG A 473 9.27 20.97 -8.29
CA ARG A 473 8.10 20.17 -8.61
C ARG A 473 8.07 18.85 -7.84
N LEU A 474 9.21 18.17 -7.78
CA LEU A 474 9.33 16.90 -7.06
C LEU A 474 9.06 17.10 -5.57
N VAL A 475 9.70 18.11 -4.98
CA VAL A 475 9.52 18.40 -3.57
C VAL A 475 8.07 18.77 -3.28
N LEU A 476 7.45 19.52 -4.18
CA LEU A 476 6.06 19.94 -4.02
C LEU A 476 5.14 18.73 -3.82
N LEU A 477 5.24 17.77 -4.72
CA LEU A 477 4.39 16.59 -4.63
C LEU A 477 4.64 15.80 -3.35
N TYR A 478 5.89 15.74 -2.91
CA TYR A 478 6.19 15.01 -1.68
C TYR A 478 5.72 15.78 -0.45
N ALA A 479 5.77 17.10 -0.50
CA ALA A 479 5.32 17.90 0.63
C ALA A 479 3.85 17.59 0.89
N ILE A 480 3.08 17.44 -0.19
CA ILE A 480 1.66 17.11 -0.08
C ILE A 480 1.47 15.78 0.65
N ALA A 481 2.19 14.74 0.23
CA ALA A 481 2.09 13.44 0.87
C ALA A 481 2.48 13.51 2.35
N LEU A 482 3.54 14.26 2.64
CA LEU A 482 4.02 14.39 4.01
C LEU A 482 3.08 15.12 4.97
N ALA A 483 2.13 15.89 4.43
CA ALA A 483 1.20 16.64 5.28
C ALA A 483 -0.07 15.85 5.55
N MSE A 484 -0.19 14.70 4.91
CA MSE A 484 -1.36 13.84 5.04
C MSE A 484 -1.43 13.05 6.34
O MSE A 484 -0.41 12.78 6.98
CB MSE A 484 -1.44 12.87 3.87
CG MSE A 484 -1.77 13.53 2.54
SE MSE A 484 -3.54 14.32 2.55
CE MSE A 484 -4.58 12.71 2.26
N PRO A 485 -2.66 12.68 6.77
CA PRO A 485 -2.86 11.92 8.00
C PRO A 485 -2.59 10.43 7.74
N GLY A 486 -1.47 9.94 8.27
CA GLY A 486 -1.12 8.55 8.07
C GLY A 486 0.35 8.35 7.78
N VAL A 487 0.64 7.46 6.83
CA VAL A 487 2.03 7.17 6.48
C VAL A 487 2.44 7.62 5.08
N PRO A 488 3.35 8.61 4.99
CA PRO A 488 3.81 9.11 3.68
C PRO A 488 4.83 8.07 3.23
N LEU A 489 4.65 7.52 2.02
CA LEU A 489 5.55 6.46 1.56
C LEU A 489 6.50 6.85 0.41
N ILE A 490 7.77 7.07 0.75
CA ILE A 490 8.77 7.43 -0.25
C ILE A 490 9.13 6.20 -1.10
N TYR A 491 9.14 6.34 -2.42
CA TYR A 491 9.50 5.23 -3.30
C TYR A 491 11.02 5.25 -3.45
N MSE A 492 11.66 4.10 -3.25
CA MSE A 492 13.13 3.98 -3.30
C MSE A 492 13.85 4.77 -4.37
O MSE A 492 13.64 4.56 -5.57
CB MSE A 492 13.55 2.51 -3.43
CG MSE A 492 15.03 2.30 -3.17
SE MSE A 492 15.82 0.83 -4.17
CE MSE A 492 16.05 1.75 -5.85
N GLY A 493 14.71 5.68 -3.95
CA GLY A 493 15.47 6.47 -4.90
C GLY A 493 14.96 7.87 -5.14
N ASP A 494 13.69 8.10 -4.86
CA ASP A 494 13.13 9.43 -5.05
C ASP A 494 13.87 10.45 -4.17
N GLU A 495 14.32 10.02 -3.00
CA GLU A 495 15.03 10.93 -2.10
C GLU A 495 16.37 11.35 -2.69
N LEU A 496 16.80 10.65 -3.73
CA LEU A 496 18.07 10.94 -4.42
C LEU A 496 17.77 11.42 -5.84
N ALA A 497 16.49 11.54 -6.16
CA ALA A 497 16.05 11.98 -7.48
C ALA A 497 16.58 11.03 -8.56
N MSE A 498 16.56 9.74 -8.29
CA MSE A 498 17.04 8.77 -9.27
C MSE A 498 16.13 8.83 -10.48
O MSE A 498 14.92 8.96 -10.34
CB MSE A 498 17.06 7.35 -8.68
CG MSE A 498 18.22 7.09 -7.74
SE MSE A 498 18.33 5.25 -7.12
CE MSE A 498 18.62 4.38 -8.83
N VAL A 499 16.71 8.76 -11.68
CA VAL A 499 15.91 8.83 -12.90
C VAL A 499 15.62 7.44 -13.45
N ASN A 500 15.01 7.37 -14.63
CA ASN A 500 14.67 6.10 -15.26
C ASN A 500 15.85 5.18 -15.51
N ASP A 501 15.56 3.88 -15.58
CA ASP A 501 16.56 2.86 -15.87
C ASP A 501 16.06 2.13 -17.12
N PRO A 502 16.54 2.56 -18.30
CA PRO A 502 16.14 1.93 -19.56
C PRO A 502 16.85 0.61 -19.81
N GLY A 503 17.73 0.24 -18.88
CA GLY A 503 18.48 -0.99 -19.00
C GLY A 503 17.70 -2.27 -19.24
N TYR A 504 16.54 -2.40 -18.60
CA TYR A 504 15.71 -3.59 -18.76
C TYR A 504 15.42 -3.86 -20.24
N ARG A 505 15.43 -2.80 -21.03
CA ARG A 505 15.15 -2.91 -22.45
C ARG A 505 16.18 -3.74 -23.21
N ASP A 506 17.28 -4.08 -22.55
CA ASP A 506 18.34 -4.85 -23.20
C ASP A 506 18.57 -6.28 -22.72
N ASP A 507 17.54 -6.93 -22.20
CA ASP A 507 17.64 -8.31 -21.75
C ASP A 507 16.27 -8.95 -21.92
N PRO A 508 16.17 -9.96 -22.81
CA PRO A 508 14.96 -10.72 -23.15
C PRO A 508 14.11 -11.22 -21.98
N HIS A 509 14.58 -11.06 -20.76
CA HIS A 509 13.84 -11.54 -19.60
C HIS A 509 12.92 -10.49 -18.98
N ARG A 510 13.26 -9.21 -19.16
CA ARG A 510 12.46 -8.13 -18.60
C ARG A 510 11.92 -7.21 -19.69
N GLN A 511 12.56 -7.28 -20.86
CA GLN A 511 12.20 -6.48 -22.01
C GLN A 511 10.70 -6.25 -22.24
N HIS A 512 9.89 -7.27 -21.96
CA HIS A 512 8.44 -7.17 -22.16
C HIS A 512 7.72 -6.44 -21.03
N GLU A 513 8.43 -6.12 -19.96
CA GLU A 513 7.84 -5.44 -18.82
C GLU A 513 8.29 -3.99 -18.69
N GLY A 514 7.51 -3.08 -19.28
CA GLY A 514 7.86 -1.67 -19.24
C GLY A 514 7.98 -1.03 -17.88
N ARG A 515 7.35 -1.62 -16.87
CA ARG A 515 7.41 -1.07 -15.52
C ARG A 515 8.84 -1.12 -14.93
N TRP A 516 9.71 -1.92 -15.53
CA TRP A 516 11.07 -1.99 -15.03
C TRP A 516 11.75 -0.63 -15.17
N LEU A 517 11.20 0.22 -16.04
CA LEU A 517 11.74 1.55 -16.26
C LEU A 517 11.87 2.33 -14.94
N HIS A 518 10.95 2.07 -14.01
CA HIS A 518 11.00 2.76 -12.71
C HIS A 518 11.22 1.77 -11.56
N ARG A 519 12.02 0.74 -11.83
CA ARG A 519 12.36 -0.24 -10.83
C ARG A 519 13.87 -0.46 -10.83
N PRO A 520 14.63 0.65 -10.76
CA PRO A 520 16.10 0.60 -10.77
C PRO A 520 16.71 -0.02 -9.51
N ALA A 521 17.96 -0.44 -9.63
CA ALA A 521 18.68 -0.99 -8.50
C ALA A 521 19.20 0.24 -7.78
N MSE A 522 19.31 0.17 -6.47
CA MSE A 522 19.80 1.30 -5.70
C MSE A 522 21.24 1.61 -6.08
O MSE A 522 22.06 0.71 -6.22
CB MSE A 522 19.71 1.01 -4.20
CG MSE A 522 20.21 2.15 -3.33
SE MSE A 522 19.11 3.75 -3.43
CE MSE A 522 19.09 4.24 -1.56
N ASP A 523 21.53 2.89 -6.27
CA ASP A 523 22.87 3.34 -6.60
C ASP A 523 23.49 3.86 -5.31
N TRP A 524 24.23 2.99 -4.61
CA TRP A 524 24.81 3.40 -3.35
C TRP A 524 25.91 4.45 -3.43
N GLN A 525 26.43 4.69 -4.63
CA GLN A 525 27.44 5.72 -4.79
C GLN A 525 26.69 7.05 -4.84
N LEU A 526 25.56 7.05 -5.54
CA LEU A 526 24.72 8.24 -5.64
C LEU A 526 24.22 8.57 -4.25
N ALA A 527 23.92 7.54 -3.48
CA ALA A 527 23.43 7.70 -2.11
C ALA A 527 24.48 8.39 -1.25
N ALA A 528 25.75 8.10 -1.53
CA ALA A 528 26.86 8.69 -0.79
C ALA A 528 26.96 10.20 -1.04
N GLN A 529 26.40 10.65 -2.16
CA GLN A 529 26.43 12.07 -2.51
C GLN A 529 25.45 12.90 -1.71
N ARG A 530 24.62 12.24 -0.90
CA ARG A 530 23.62 12.96 -0.10
C ARG A 530 24.33 13.92 0.85
N HIS A 531 25.62 13.69 1.05
CA HIS A 531 26.42 14.53 1.94
C HIS A 531 26.91 15.82 1.28
N ASP A 532 26.93 15.82 -0.05
CA ASP A 532 27.36 17.00 -0.80
C ASP A 532 26.14 17.85 -1.14
N ALA A 533 25.85 18.82 -0.26
CA ALA A 533 24.70 19.71 -0.43
C ALA A 533 24.63 20.40 -1.78
N LYS A 534 25.73 20.37 -2.54
CA LYS A 534 25.78 21.00 -3.84
C LYS A 534 25.36 20.08 -4.99
N SER A 535 25.31 18.78 -4.73
CA SER A 535 24.91 17.82 -5.76
C SER A 535 23.40 17.81 -5.87
N LEU A 536 22.89 17.25 -6.95
CA LEU A 536 21.44 17.18 -7.17
C LEU A 536 20.81 16.28 -6.10
N SER A 537 21.42 15.10 -5.91
CA SER A 537 20.92 14.15 -4.93
C SER A 537 20.95 14.76 -3.53
N GLY A 538 22.07 15.40 -3.20
CA GLY A 538 22.19 16.02 -1.89
C GLY A 538 21.19 17.14 -1.67
N THR A 539 20.89 17.87 -2.74
CA THR A 539 19.93 18.97 -2.67
C THR A 539 18.52 18.43 -2.47
N VAL A 540 18.14 17.44 -3.27
CA VAL A 540 16.81 16.85 -3.14
C VAL A 540 16.68 16.18 -1.78
N TYR A 541 17.68 15.39 -1.40
CA TYR A 541 17.66 14.70 -0.13
C TYR A 541 17.47 15.70 1.03
N ARG A 542 18.29 16.75 1.05
CA ARG A 542 18.23 17.75 2.10
C ARG A 542 16.86 18.41 2.21
N ARG A 543 16.25 18.74 1.07
CA ARG A 543 14.95 19.36 1.08
C ARG A 543 13.87 18.44 1.60
N LEU A 544 13.90 17.18 1.18
CA LEU A 544 12.91 16.22 1.64
C LEU A 544 13.09 16.00 3.13
N ARG A 545 14.34 15.91 3.56
CA ARG A 545 14.66 15.71 4.96
C ARG A 545 14.09 16.84 5.82
N GLY A 546 14.16 18.06 5.31
CA GLY A 546 13.64 19.22 6.03
C GLY A 546 12.15 19.08 6.32
N LEU A 547 11.39 18.69 5.30
CA LEU A 547 9.95 18.49 5.44
C LEU A 547 9.68 17.34 6.41
N ILE A 548 10.43 16.26 6.27
CA ILE A 548 10.27 15.10 7.14
C ILE A 548 10.43 15.51 8.61
N ARG A 549 11.49 16.26 8.92
CA ARG A 549 11.73 16.71 10.29
C ARG A 549 10.63 17.62 10.82
N GLN A 550 10.18 18.57 10.00
CA GLN A 550 9.13 19.48 10.43
C GLN A 550 7.85 18.69 10.68
N ARG A 551 7.55 17.75 9.78
CA ARG A 551 6.36 16.92 9.93
C ARG A 551 6.44 16.18 11.28
N ALA A 552 7.61 15.67 11.60
CA ALA A 552 7.79 14.93 12.85
C ALA A 552 7.53 15.76 14.10
N ALA A 553 7.67 17.07 13.98
CA ALA A 553 7.47 17.96 15.12
C ALA A 553 6.06 18.56 15.19
N LEU A 554 5.22 18.26 14.22
CA LEU A 554 3.88 18.82 14.18
C LEU A 554 2.77 17.88 14.64
N GLY A 555 2.31 18.07 15.87
CA GLY A 555 1.24 17.23 16.39
C GLY A 555 -0.02 17.35 15.56
N ALA A 556 -0.21 18.53 14.96
CA ALA A 556 -1.38 18.79 14.15
C ALA A 556 -1.49 17.84 12.95
N LEU A 557 -0.36 17.22 12.60
CA LEU A 557 -0.35 16.30 11.48
C LEU A 557 -0.70 14.86 11.82
N ALA A 558 -0.84 14.56 13.11
CA ALA A 558 -1.19 13.19 13.53
C ALA A 558 -2.48 12.78 12.83
N ALA A 559 -2.62 11.48 12.58
CA ALA A 559 -3.78 10.95 11.88
C ALA A 559 -5.14 11.21 12.51
N ASP A 560 -5.19 11.48 13.81
CA ASP A 560 -6.47 11.75 14.47
C ASP A 560 -6.95 13.19 14.29
N GLN A 561 -6.08 14.03 13.73
CA GLN A 561 -6.43 15.43 13.50
C GLN A 561 -7.12 15.57 12.15
N ALA A 562 -8.09 16.47 12.06
CA ALA A 562 -8.84 16.67 10.83
C ALA A 562 -7.98 17.02 9.61
N LEU A 563 -8.49 16.64 8.44
CA LEU A 563 -7.84 16.94 7.16
C LEU A 563 -8.88 17.64 6.32
N ALA A 564 -8.55 18.84 5.84
CA ALA A 564 -9.49 19.60 5.03
C ALA A 564 -8.76 20.47 4.01
N SER A 565 -9.55 21.18 3.21
CA SER A 565 -9.00 22.07 2.19
C SER A 565 -9.89 23.30 2.05
N ILE A 566 -9.28 24.47 2.20
CA ILE A 566 -9.98 25.74 2.10
C ILE A 566 -10.18 26.10 0.63
N ALA A 567 -11.40 26.42 0.26
CA ALA A 567 -11.71 26.80 -1.12
C ALA A 567 -11.11 28.18 -1.38
N LEU A 568 -10.26 28.26 -2.40
CA LEU A 568 -9.62 29.52 -2.76
C LEU A 568 -10.19 29.97 -4.10
N ASN A 569 -10.12 31.28 -4.36
CA ASN A 569 -10.65 31.83 -5.62
C ASN A 569 -9.63 31.81 -6.75
N ASP A 570 -8.45 31.26 -6.49
CA ASP A 570 -7.39 31.17 -7.51
C ASP A 570 -7.10 29.68 -7.78
N PRO A 571 -7.57 29.16 -8.93
CA PRO A 571 -7.39 27.77 -9.35
C PRO A 571 -5.96 27.24 -9.40
N ARG A 572 -4.98 28.13 -9.37
CA ARG A 572 -3.59 27.71 -9.42
C ARG A 572 -3.08 27.27 -8.05
N VAL A 573 -3.78 27.69 -7.00
CA VAL A 573 -3.38 27.39 -5.62
C VAL A 573 -4.19 26.31 -4.91
N PHE A 574 -3.54 25.64 -3.95
CA PHE A 574 -4.17 24.57 -3.18
C PHE A 574 -3.80 24.77 -1.72
N ALA A 575 -4.82 24.85 -0.85
CA ALA A 575 -4.60 25.03 0.58
C ALA A 575 -5.07 23.78 1.34
N LEU A 576 -4.14 23.13 2.03
CA LEU A 576 -4.46 21.94 2.80
C LEU A 576 -4.35 22.26 4.28
N THR A 577 -5.39 21.98 5.06
CA THR A 577 -5.35 22.26 6.48
C THR A 577 -5.37 20.98 7.29
N ARG A 578 -4.69 21.00 8.44
CA ARG A 578 -4.66 19.83 9.32
C ARG A 578 -5.00 20.34 10.72
N GLY A 579 -5.96 19.69 11.38
CA GLY A 579 -6.35 20.16 12.69
C GLY A 579 -6.83 21.59 12.52
N ASP A 580 -6.69 22.42 13.55
CA ASP A 580 -7.12 23.80 13.44
C ASP A 580 -5.97 24.77 13.57
N SER A 581 -4.74 24.27 13.47
CA SER A 581 -3.58 25.13 13.63
C SER A 581 -2.52 24.97 12.55
N PHE A 582 -2.79 24.16 11.54
CA PHE A 582 -1.82 23.96 10.47
C PHE A 582 -2.41 24.18 9.09
N ILE A 583 -1.67 24.89 8.25
CA ILE A 583 -2.09 25.18 6.89
C ILE A 583 -0.89 25.05 5.95
N ALA A 584 -1.08 24.36 4.84
CA ALA A 584 -0.02 24.22 3.86
C ALA A 584 -0.53 24.82 2.57
N LEU A 585 0.23 25.77 2.01
CA LEU A 585 -0.16 26.44 0.77
C LEU A 585 0.71 25.99 -0.39
N HIS A 586 0.08 25.64 -1.51
CA HIS A 586 0.78 25.16 -2.68
C HIS A 586 0.46 25.94 -3.95
N ASN A 587 1.49 26.24 -4.73
CA ASN A 587 1.34 26.95 -6.00
C ASN A 587 1.69 25.95 -7.08
N PHE A 588 0.68 25.51 -7.82
CA PHE A 588 0.91 24.54 -8.88
C PHE A 588 1.14 25.13 -10.25
N SER A 589 1.41 26.44 -10.31
CA SER A 589 1.64 27.10 -11.60
C SER A 589 3.10 27.49 -11.75
N ASP A 590 3.47 27.93 -12.94
CA ASP A 590 4.85 28.33 -13.21
C ASP A 590 5.08 29.81 -12.93
N GLN A 591 4.15 30.44 -12.22
CA GLN A 591 4.28 31.87 -11.92
C GLN A 591 4.21 32.27 -10.45
N LEU A 592 4.87 33.38 -10.14
CA LEU A 592 4.88 33.88 -8.78
C LEU A 592 3.52 34.50 -8.49
N LEU A 593 3.00 34.27 -7.30
CA LEU A 593 1.72 34.81 -6.91
C LEU A 593 1.65 34.85 -5.39
N ASP A 594 0.52 35.28 -4.85
CA ASP A 594 0.40 35.32 -3.41
C ASP A 594 -1.02 34.93 -3.01
N VAL A 595 -1.19 34.65 -1.72
CA VAL A 595 -2.47 34.24 -1.17
C VAL A 595 -2.73 35.17 0.01
N GLU A 596 -3.89 35.82 0.01
CA GLU A 596 -4.24 36.75 1.08
C GLU A 596 -4.58 36.02 2.37
N LEU A 597 -4.04 36.50 3.48
CA LEU A 597 -4.27 35.89 4.79
C LEU A 597 -5.76 35.79 5.15
N ALA A 598 -6.52 36.83 4.84
CA ALA A 598 -7.94 36.87 5.13
C ALA A 598 -8.75 35.93 4.25
N ALA A 599 -8.09 35.27 3.31
CA ALA A 599 -8.75 34.33 2.41
C ALA A 599 -8.66 32.93 3.01
N ILE A 600 -7.78 32.80 4.00
CA ILE A 600 -7.57 31.53 4.67
C ILE A 600 -7.67 31.74 6.19
N GLY A 601 -8.22 32.89 6.57
CA GLY A 601 -8.39 33.24 7.97
C GLY A 601 -7.18 32.95 8.84
N VAL A 602 -6.01 33.39 8.40
CA VAL A 602 -4.78 33.17 9.16
C VAL A 602 -4.06 34.46 9.54
N ASP A 603 -2.84 34.27 10.06
CA ASP A 603 -1.94 35.34 10.50
C ASP A 603 -1.03 34.71 11.56
N GLY A 604 -0.51 33.53 11.23
CA GLY A 604 0.35 32.82 12.16
C GLY A 604 1.83 32.79 11.83
N TRP A 605 2.46 31.66 12.11
CA TRP A 605 3.89 31.47 11.89
C TRP A 605 4.20 30.57 10.70
N THR A 606 5.24 30.93 9.93
CA THR A 606 5.62 30.11 8.79
C THR A 606 6.68 29.12 9.25
N LEU A 607 6.55 27.87 8.79
CA LEU A 607 7.48 26.82 9.18
C LEU A 607 8.43 26.49 8.04
N SER A 624 -0.63 38.82 3.27
CA SER A 624 -0.61 37.71 2.31
C SER A 624 0.72 36.96 2.34
N ILE A 625 0.74 35.79 1.72
CA ILE A 625 1.95 34.98 1.66
C ILE A 625 2.30 34.75 0.20
N VAL A 626 3.52 35.10 -0.18
CA VAL A 626 3.97 34.94 -1.56
C VAL A 626 4.43 33.51 -1.83
N LEU A 627 3.99 32.95 -2.94
CA LEU A 627 4.39 31.59 -3.30
C LEU A 627 5.11 31.57 -4.66
N PRO A 628 6.41 31.21 -4.66
CA PRO A 628 7.19 31.13 -5.90
C PRO A 628 6.60 30.02 -6.76
N PRO A 629 7.01 29.93 -8.03
CA PRO A 629 6.45 28.87 -8.88
C PRO A 629 6.65 27.49 -8.24
N TYR A 630 5.60 26.68 -8.25
CA TYR A 630 5.66 25.33 -7.68
C TYR A 630 6.09 25.36 -6.22
N GLY A 631 5.89 26.50 -5.56
CA GLY A 631 6.29 26.61 -4.17
C GLY A 631 5.30 26.08 -3.16
N VAL A 632 5.80 25.69 -2.00
CA VAL A 632 4.97 25.18 -0.92
C VAL A 632 5.34 25.92 0.36
N ARG A 633 4.32 26.26 1.16
CA ARG A 633 4.54 26.97 2.40
C ARG A 633 3.72 26.37 3.54
N TRP A 634 4.38 26.07 4.66
CA TRP A 634 3.71 25.50 5.83
C TRP A 634 3.60 26.54 6.93
N LEU A 635 2.38 26.75 7.43
CA LEU A 635 2.17 27.71 8.51
C LEU A 635 1.37 27.09 9.65
N GLN A 636 1.54 27.63 10.85
CA GLN A 636 0.81 27.14 12.00
C GLN A 636 0.32 28.32 12.85
N ARG A 637 -0.61 28.06 13.75
CA ARG A 637 -1.17 29.11 14.60
C ARG A 637 -0.11 29.88 15.38
C TRS B . 1.32 -5.47 -9.53
C1 TRS B . 2.84 -5.19 -9.73
C2 TRS B . 1.03 -5.77 -8.04
C3 TRS B . 0.88 -6.66 -10.38
N TRS B . 0.55 -4.27 -9.90
O1 TRS B . 3.64 -6.32 -9.41
O2 TRS B . 1.43 -4.67 -7.22
O3 TRS B . 1.14 -6.40 -11.78
#